data_5DVN
#
_entry.id   5DVN
#
_cell.length_a   107.603
_cell.length_b   107.603
_cell.length_c   56.973
_cell.angle_alpha   90.000
_cell.angle_beta   90.000
_cell.angle_gamma   120.000
#
_symmetry.space_group_name_H-M   'P 32 2 1'
#
loop_
_entity.id
_entity.type
_entity.pdbx_description
1 polymer 'Ig gamma-1 chain C region'
2 polymer 'Fc-III peptide'
3 water water
#
loop_
_entity_poly.entity_id
_entity_poly.type
_entity_poly.pdbx_seq_one_letter_code
_entity_poly.pdbx_strand_id
1 'polypeptide(L)'
;DKTHTCPPCPAPELLGGPSVFLFPPKPKDTLMISRTPEVTCVVVDVSHEDPEVKFNWYVDGVEVHNAKTKPREEQYNSTY
RVVSVLTVLHQDWLNGKEYKCKVSNKALPAPIEKTISKAKGQPREPQVYTLPPSREEMTKNQVSLTCLVKGFYPSDIAVE
WESNGQPENNYDTTPPVLDSDGSFFLYSDLTVDKSRWQQGNVFSCSVMHEALHNHYTQKSLSLSPGK
;
A
2 'polypeptide(L)' DCAWHLGELVWCT B
#
# COMPACT_ATOMS: atom_id res chain seq x y z
N GLY A 17 15.36 -24.69 3.10
CA GLY A 17 16.43 -24.04 2.29
C GLY A 17 16.08 -22.61 1.89
N PRO A 18 16.38 -22.21 0.63
CA PRO A 18 16.08 -20.85 0.13
C PRO A 18 14.57 -20.56 0.09
N SER A 19 14.18 -19.41 0.62
CA SER A 19 12.77 -19.08 0.80
C SER A 19 12.36 -17.79 0.06
N VAL A 20 11.21 -17.82 -0.60
CA VAL A 20 10.78 -16.76 -1.52
C VAL A 20 9.54 -15.97 -1.09
N PHE A 21 9.63 -14.64 -1.14
CA PHE A 21 8.48 -13.75 -0.92
C PHE A 21 8.25 -12.91 -2.17
N LEU A 22 6.98 -12.79 -2.58
CA LEU A 22 6.62 -11.89 -3.67
C LEU A 22 5.60 -10.89 -3.17
N PHE A 23 6.06 -9.65 -2.96
CA PHE A 23 5.23 -8.59 -2.41
C PHE A 23 4.53 -7.75 -3.49
N PRO A 24 3.23 -7.46 -3.28
CA PRO A 24 2.53 -6.59 -4.23
C PRO A 24 3.00 -5.13 -4.07
N PRO A 25 2.60 -4.25 -4.99
CA PRO A 25 3.03 -2.87 -4.83
C PRO A 25 2.19 -2.19 -3.77
N LYS A 26 2.73 -1.11 -3.17
CA LYS A 26 1.98 -0.29 -2.21
C LYS A 26 0.70 0.20 -2.89
N PRO A 27 -0.46 0.14 -2.20
CA PRO A 27 -1.69 0.62 -2.83
C PRO A 27 -1.62 2.08 -3.32
N LYS A 28 -0.98 2.95 -2.55
CA LYS A 28 -0.78 4.35 -2.92
C LYS A 28 -0.04 4.46 -4.25
N ASP A 29 0.99 3.64 -4.43
CA ASP A 29 1.78 3.58 -5.66
C ASP A 29 0.97 3.20 -6.90
N THR A 30 -0.01 2.32 -6.73
CA THR A 30 -0.82 1.85 -7.87
C THR A 30 -1.95 2.81 -8.19
N LEU A 31 -2.32 3.64 -7.24
CA LEU A 31 -3.50 4.49 -7.37
C LEU A 31 -3.12 5.91 -7.76
N MET A 32 -1.85 6.25 -7.57
CA MET A 32 -1.29 7.56 -7.94
C MET A 32 -0.42 7.47 -9.19
N ILE A 33 -0.94 8.02 -10.29
CA ILE A 33 -0.29 7.95 -11.60
C ILE A 33 1.11 8.58 -11.64
N SER A 34 1.41 9.44 -10.69
CA SER A 34 2.74 10.04 -10.58
C SER A 34 3.77 9.16 -9.85
N ARG A 35 3.29 8.09 -9.19
CA ARG A 35 4.20 7.16 -8.53
C ARG A 35 4.45 5.93 -9.39
N THR A 36 5.52 5.21 -9.11
CA THR A 36 5.80 3.99 -9.89
C THR A 36 5.63 2.73 -9.02
N PRO A 37 4.55 1.96 -9.23
CA PRO A 37 4.34 0.73 -8.48
C PRO A 37 5.30 -0.37 -8.92
N GLU A 38 5.68 -1.22 -7.97
CA GLU A 38 6.61 -2.30 -8.25
C GLU A 38 6.29 -3.52 -7.40
N VAL A 39 6.44 -4.71 -8.00
CA VAL A 39 6.39 -5.97 -7.28
C VAL A 39 7.81 -6.37 -6.90
N THR A 40 7.96 -6.91 -5.69
CA THR A 40 9.29 -7.22 -5.18
C THR A 40 9.38 -8.71 -4.85
N CYS A 41 10.39 -9.35 -5.44
CA CYS A 41 10.63 -10.78 -5.23
C CYS A 41 11.89 -10.95 -4.39
N VAL A 42 11.68 -11.38 -3.16
CA VAL A 42 12.75 -11.50 -2.17
C VAL A 42 13.07 -12.96 -1.93
N VAL A 43 14.35 -13.28 -1.99
CA VAL A 43 14.80 -14.62 -1.69
C VAL A 43 15.73 -14.51 -0.52
N VAL A 44 15.44 -15.27 0.53
CA VAL A 44 16.29 -15.30 1.70
C VAL A 44 16.84 -16.71 1.90
N ASP A 45 17.81 -16.83 2.81
CA ASP A 45 18.42 -18.12 3.15
C ASP A 45 19.08 -18.76 1.92
N VAL A 46 19.73 -17.92 1.11
CA VAL A 46 20.52 -18.35 -0.03
C VAL A 46 21.91 -18.66 0.51
N SER A 47 22.38 -19.91 0.32
CA SER A 47 23.67 -20.33 0.87
C SER A 47 24.87 -19.62 0.22
N HIS A 48 25.92 -19.43 1.03
CA HIS A 48 27.23 -18.94 0.57
C HIS A 48 27.79 -19.84 -0.51
N GLU A 49 27.57 -21.13 -0.38
CA GLU A 49 28.08 -22.15 -1.31
C GLU A 49 27.41 -22.11 -2.69
N ASP A 50 26.09 -21.97 -2.74
CA ASP A 50 25.36 -21.86 -4.01
C ASP A 50 24.57 -20.54 -4.13
N PRO A 51 25.27 -19.39 -4.24
CA PRO A 51 24.65 -18.07 -4.07
C PRO A 51 23.92 -17.46 -5.27
N GLU A 52 24.10 -18.04 -6.46
CA GLU A 52 23.52 -17.45 -7.65
C GLU A 52 22.03 -17.69 -7.71
N VAL A 53 21.28 -16.62 -7.90
CA VAL A 53 19.85 -16.72 -8.04
C VAL A 53 19.44 -16.15 -9.38
N LYS A 54 18.65 -16.91 -10.11
CA LYS A 54 18.20 -16.51 -11.43
C LYS A 54 16.71 -16.24 -11.39
N PHE A 55 16.34 -15.00 -11.69
CA PHE A 55 14.95 -14.56 -11.70
C PHE A 55 14.36 -14.54 -13.11
N ASN A 56 13.17 -15.10 -13.27
CA ASN A 56 12.38 -14.95 -14.47
C ASN A 56 11.06 -14.30 -14.12
N TRP A 57 10.62 -13.33 -14.92
CA TRP A 57 9.37 -12.63 -14.68
C TRP A 57 8.38 -12.84 -15.78
N TYR A 58 7.10 -12.91 -15.41
CA TYR A 58 6.02 -13.15 -16.38
C TYR A 58 4.82 -12.29 -16.03
N VAL A 59 4.27 -11.61 -17.02
CA VAL A 59 3.06 -10.84 -16.87
C VAL A 59 2.00 -11.54 -17.69
N ASP A 60 1.02 -12.13 -16.99
CA ASP A 60 0.00 -13.00 -17.62
C ASP A 60 0.62 -14.11 -18.48
N GLY A 61 1.59 -14.82 -17.92
CA GLY A 61 2.24 -15.94 -18.59
C GLY A 61 3.25 -15.55 -19.66
N VAL A 62 3.33 -14.26 -19.98
CA VAL A 62 4.25 -13.72 -20.99
C VAL A 62 5.50 -13.13 -20.31
N GLU A 63 6.66 -13.71 -20.60
CA GLU A 63 7.91 -13.24 -19.99
C GLU A 63 8.26 -11.80 -20.38
N VAL A 64 8.76 -11.03 -19.39
CA VAL A 64 9.22 -9.65 -19.59
C VAL A 64 10.66 -9.52 -19.06
N HIS A 65 11.35 -8.45 -19.43
CA HIS A 65 12.83 -8.39 -19.27
C HIS A 65 13.37 -7.14 -18.61
N ASN A 66 12.49 -6.23 -18.24
CA ASN A 66 12.92 -4.96 -17.65
C ASN A 66 13.22 -4.98 -16.14
N ALA A 67 13.07 -6.14 -15.51
CA ALA A 67 13.26 -6.28 -14.06
C ALA A 67 14.66 -5.82 -13.59
N LYS A 68 14.72 -5.20 -12.41
CA LYS A 68 16.01 -4.76 -11.85
C LYS A 68 16.57 -5.76 -10.83
N THR A 69 17.88 -5.98 -10.90
CA THR A 69 18.55 -7.00 -10.09
C THR A 69 19.45 -6.32 -9.07
N LYS A 70 19.04 -6.38 -7.81
CA LYS A 70 19.83 -5.79 -6.74
C LYS A 70 20.97 -6.73 -6.36
N PRO A 71 22.10 -6.17 -5.88
CA PRO A 71 23.18 -7.01 -5.42
C PRO A 71 22.81 -7.72 -4.13
N ARG A 72 23.42 -8.89 -3.92
CA ARG A 72 23.17 -9.70 -2.73
C ARG A 72 23.65 -8.97 -1.48
N GLU A 73 23.09 -9.34 -0.32
CA GLU A 73 23.51 -8.76 0.96
C GLU A 73 23.66 -9.87 2.00
N GLU A 74 24.65 -9.72 2.88
CA GLU A 74 24.90 -10.67 3.97
C GLU A 74 23.66 -10.89 4.85
N GLN A 75 23.43 -12.14 5.24
CA GLN A 75 22.41 -12.47 6.25
C GLN A 75 23.01 -13.37 7.33
N TYR A 76 22.18 -13.97 8.17
CA TYR A 76 22.65 -14.62 9.39
C TYR A 76 23.73 -15.70 9.23
N ASN A 77 23.35 -16.85 8.70
CA ASN A 77 24.13 -18.08 8.90
C ASN A 77 24.97 -18.48 7.69
N SER A 78 25.87 -17.58 7.25
CA SER A 78 26.52 -17.69 5.94
C SER A 78 25.46 -17.77 4.82
N THR A 79 24.50 -16.85 4.86
CA THR A 79 23.44 -16.82 3.86
C THR A 79 23.43 -15.46 3.22
N TYR A 80 22.79 -15.38 2.06
CA TYR A 80 22.57 -14.11 1.41
C TYR A 80 21.08 -13.87 1.25
N ARG A 81 20.74 -12.60 1.07
CA ARG A 81 19.43 -12.13 0.66
C ARG A 81 19.66 -11.63 -0.77
N VAL A 82 18.73 -11.95 -1.67
CA VAL A 82 18.77 -11.43 -3.05
C VAL A 82 17.39 -10.96 -3.42
N VAL A 83 17.33 -9.82 -4.09
CA VAL A 83 16.07 -9.15 -4.38
C VAL A 83 16.00 -8.77 -5.88
N SER A 84 14.80 -8.79 -6.43
CA SER A 84 14.56 -8.38 -7.80
C SER A 84 13.23 -7.66 -7.85
N VAL A 85 13.25 -6.47 -8.42
CA VAL A 85 12.11 -5.56 -8.40
C VAL A 85 11.67 -5.30 -9.84
N LEU A 86 10.38 -5.44 -10.08
CA LEU A 86 9.82 -5.23 -11.41
C LEU A 86 8.78 -4.13 -11.36
N THR A 87 9.00 -3.10 -12.16
CA THR A 87 8.02 -2.02 -12.34
C THR A 87 6.80 -2.55 -13.07
N VAL A 88 5.62 -2.19 -12.56
CA VAL A 88 4.38 -2.55 -13.20
C VAL A 88 3.69 -1.26 -13.67
N LEU A 89 2.80 -1.41 -14.65
CA LEU A 89 2.01 -0.29 -15.14
C LEU A 89 0.73 -0.28 -14.35
N HIS A 90 0.38 0.91 -13.87
CA HIS A 90 -0.83 1.12 -13.06
C HIS A 90 -1.99 0.34 -13.59
N GLN A 91 -2.30 0.56 -14.87
CA GLN A 91 -3.50 -0.01 -15.47
C GLN A 91 -3.42 -1.53 -15.64
N ASP A 92 -2.20 -2.06 -15.79
CA ASP A 92 -2.02 -3.52 -15.87
C ASP A 92 -2.46 -4.17 -14.57
N TRP A 93 -1.90 -3.70 -13.46
CA TRP A 93 -2.26 -4.17 -12.13
C TRP A 93 -3.73 -4.00 -11.87
N LEU A 94 -4.24 -2.80 -12.12
CA LEU A 94 -5.65 -2.50 -11.86
C LEU A 94 -6.58 -3.35 -12.71
N ASN A 95 -6.13 -3.75 -13.90
CA ASN A 95 -6.92 -4.61 -14.79
C ASN A 95 -6.88 -6.08 -14.41
N GLY A 96 -6.02 -6.43 -13.44
CA GLY A 96 -6.02 -7.77 -12.84
C GLY A 96 -4.98 -8.71 -13.42
N LYS A 97 -4.00 -8.16 -14.12
CA LYS A 97 -2.92 -8.97 -14.68
C LYS A 97 -2.09 -9.65 -13.59
N GLU A 98 -1.69 -10.88 -13.89
CA GLU A 98 -1.02 -11.74 -12.94
C GLU A 98 0.48 -11.63 -13.10
N TYR A 99 1.18 -11.35 -12.01
CA TYR A 99 2.64 -11.26 -12.05
C TYR A 99 3.29 -12.47 -11.38
N LYS A 100 4.29 -13.01 -12.07
CA LYS A 100 4.98 -14.22 -11.63
C LYS A 100 6.48 -14.03 -11.58
N CYS A 101 7.06 -14.38 -10.44
CA CYS A 101 8.49 -14.41 -10.24
C CYS A 101 8.94 -15.87 -10.20
N LYS A 102 9.86 -16.26 -11.09
CA LYS A 102 10.46 -17.61 -11.06
C LYS A 102 11.90 -17.56 -10.56
N VAL A 103 12.14 -18.26 -9.45
CA VAL A 103 13.42 -18.23 -8.75
C VAL A 103 14.13 -19.56 -8.96
N SER A 104 15.35 -19.51 -9.49
CA SER A 104 16.16 -20.70 -9.75
C SER A 104 17.51 -20.59 -9.04
N ASN A 105 17.90 -21.66 -8.34
CA ASN A 105 19.12 -21.70 -7.53
C ASN A 105 19.58 -23.14 -7.52
N LYS A 106 20.90 -23.35 -7.51
CA LYS A 106 21.48 -24.70 -7.63
C LYS A 106 21.03 -25.65 -6.52
N ALA A 107 20.74 -25.09 -5.34
CA ALA A 107 20.30 -25.87 -4.17
C ALA A 107 18.80 -26.19 -4.18
N LEU A 108 18.12 -25.83 -5.26
CA LEU A 108 16.68 -26.02 -5.37
C LEU A 108 16.35 -27.24 -6.22
N PRO A 109 15.63 -28.22 -5.65
CA PRO A 109 15.09 -29.35 -6.40
C PRO A 109 14.48 -28.90 -7.72
N ALA A 110 13.51 -27.99 -7.64
CA ALA A 110 12.89 -27.39 -8.83
C ALA A 110 12.88 -25.88 -8.63
N PRO A 111 12.61 -25.11 -9.71
CA PRO A 111 12.48 -23.66 -9.47
C PRO A 111 11.24 -23.34 -8.63
N ILE A 112 11.28 -22.22 -7.90
CA ILE A 112 10.14 -21.78 -7.09
C ILE A 112 9.39 -20.67 -7.83
N GLU A 113 8.06 -20.80 -7.90
CA GLU A 113 7.21 -19.82 -8.59
C GLU A 113 6.19 -19.17 -7.64
N LYS A 114 6.19 -17.84 -7.60
CA LYS A 114 5.21 -17.10 -6.82
C LYS A 114 4.34 -16.22 -7.72
N THR A 115 3.06 -16.13 -7.39
CA THR A 115 2.08 -15.43 -8.22
C THR A 115 1.30 -14.39 -7.41
N ILE A 116 1.37 -13.15 -7.86
CA ILE A 116 0.59 -12.10 -7.27
C ILE A 116 -0.23 -11.29 -8.29
N SER A 117 -1.45 -10.96 -7.91
CA SER A 117 -2.31 -10.05 -8.67
C SER A 117 -3.38 -9.46 -7.75
N LYS A 118 -3.90 -8.30 -8.13
CA LYS A 118 -5.02 -7.66 -7.47
C LYS A 118 -6.18 -8.65 -7.34
N ALA A 119 -6.87 -8.61 -6.21
CA ALA A 119 -8.02 -9.47 -5.96
C ALA A 119 -9.09 -9.24 -7.02
N LYS A 120 -9.73 -10.32 -7.45
CA LYS A 120 -10.83 -10.25 -8.40
C LYS A 120 -12.14 -9.97 -7.66
N GLY A 121 -13.10 -9.35 -8.35
CA GLY A 121 -14.40 -9.04 -7.76
C GLY A 121 -14.82 -7.61 -8.03
N GLN A 122 -16.13 -7.37 -7.97
CA GLN A 122 -16.73 -6.05 -8.19
C GLN A 122 -16.19 -5.02 -7.19
N PRO A 123 -15.44 -4.00 -7.68
CA PRO A 123 -14.98 -2.92 -6.81
C PRO A 123 -16.13 -2.15 -6.16
N ARG A 124 -16.06 -1.95 -4.85
CA ARG A 124 -17.06 -1.21 -4.09
C ARG A 124 -16.35 0.01 -3.49
N GLU A 125 -16.97 1.18 -3.55
CA GLU A 125 -16.28 2.36 -3.02
C GLU A 125 -16.45 2.52 -1.50
N PRO A 126 -15.38 3.02 -0.82
CA PRO A 126 -15.39 3.27 0.62
C PRO A 126 -16.33 4.38 1.06
N GLN A 127 -16.93 4.20 2.24
CA GLN A 127 -17.71 5.24 2.91
C GLN A 127 -16.87 5.70 4.09
N VAL A 128 -16.65 7.01 4.17
CA VAL A 128 -15.75 7.59 5.15
C VAL A 128 -16.52 8.47 6.10
N TYR A 129 -16.19 8.39 7.39
CA TYR A 129 -16.87 9.17 8.43
C TYR A 129 -15.81 9.61 9.39
N THR A 130 -15.94 10.83 9.92
CA THR A 130 -14.94 11.36 10.85
C THR A 130 -15.48 11.55 12.28
N LEU A 131 -14.62 11.34 13.27
CA LEU A 131 -15.01 11.47 14.67
C LEU A 131 -14.14 12.49 15.37
N PRO A 132 -14.73 13.65 15.73
CA PRO A 132 -14.03 14.70 16.51
C PRO A 132 -13.71 14.21 17.93
N PRO A 133 -12.81 14.91 18.66
CA PRO A 133 -12.48 14.46 20.01
C PRO A 133 -13.67 14.47 20.96
N SER A 134 -13.78 13.45 21.82
CA SER A 134 -14.77 13.40 22.89
C SER A 134 -14.53 14.51 23.92
N ARG A 135 -15.50 14.72 24.82
CA ARG A 135 -15.32 15.68 25.91
C ARG A 135 -14.07 15.38 26.75
N GLU A 136 -13.86 14.10 27.08
CA GLU A 136 -12.67 13.69 27.81
C GLU A 136 -11.39 13.94 27.02
N GLU A 137 -11.39 13.52 25.74
CA GLU A 137 -10.27 13.74 24.83
C GLU A 137 -9.78 15.19 24.88
N MET A 138 -10.73 16.11 25.02
CA MET A 138 -10.43 17.54 25.07
C MET A 138 -9.73 18.02 26.34
N THR A 139 -9.71 17.20 27.39
CA THR A 139 -8.98 17.55 28.60
C THR A 139 -7.47 17.24 28.51
N LYS A 140 -7.08 16.38 27.58
CA LYS A 140 -5.68 16.03 27.39
C LYS A 140 -4.88 17.12 26.66
N ASN A 141 -3.56 17.01 26.68
CA ASN A 141 -2.68 17.92 25.91
C ASN A 141 -2.65 17.57 24.42
N GLN A 142 -2.95 16.30 24.13
CA GLN A 142 -2.99 15.80 22.77
C GLN A 142 -4.34 15.15 22.51
N VAL A 143 -5.04 15.64 21.49
CA VAL A 143 -6.33 15.09 21.11
C VAL A 143 -6.17 14.18 19.89
N SER A 144 -7.06 13.20 19.75
CA SER A 144 -7.03 12.28 18.64
C SER A 144 -8.26 12.48 17.75
N LEU A 145 -8.05 12.41 16.44
CA LEU A 145 -9.13 12.52 15.48
C LEU A 145 -9.22 11.20 14.75
N THR A 146 -10.44 10.76 14.47
CA THR A 146 -10.64 9.43 13.96
C THR A 146 -11.38 9.48 12.64
N CYS A 147 -11.08 8.49 11.80
CA CYS A 147 -11.63 8.41 10.47
C CYS A 147 -12.04 6.95 10.32
N LEU A 148 -13.34 6.73 10.13
CA LEU A 148 -13.89 5.40 9.98
C LEU A 148 -14.20 5.16 8.52
N VAL A 149 -13.78 4.01 8.01
CA VAL A 149 -13.95 3.68 6.60
C VAL A 149 -14.55 2.28 6.46
N LYS A 150 -15.62 2.16 5.69
CA LYS A 150 -16.20 0.84 5.43
C LYS A 150 -16.72 0.70 4.02
N GLY A 151 -17.16 -0.51 3.67
CA GLY A 151 -17.83 -0.78 2.42
C GLY A 151 -16.95 -1.01 1.20
N PHE A 152 -15.63 -0.98 1.37
CA PHE A 152 -14.73 -1.04 0.23
C PHE A 152 -14.23 -2.43 -0.17
N TYR A 153 -14.00 -2.56 -1.47
CA TYR A 153 -13.46 -3.75 -2.10
C TYR A 153 -12.76 -3.34 -3.38
N PRO A 154 -11.60 -3.94 -3.68
CA PRO A 154 -10.85 -4.90 -2.84
C PRO A 154 -10.25 -4.23 -1.59
N SER A 155 -9.51 -4.98 -0.79
CA SER A 155 -9.03 -4.46 0.50
C SER A 155 -7.88 -3.46 0.37
N ASP A 156 -7.27 -3.41 -0.83
CA ASP A 156 -6.18 -2.47 -1.13
C ASP A 156 -6.68 -1.05 -0.96
N ILE A 157 -6.06 -0.31 -0.04
CA ILE A 157 -6.48 1.06 0.26
C ILE A 157 -5.30 1.85 0.87
N ALA A 158 -5.34 3.17 0.78
CA ALA A 158 -4.36 4.03 1.42
C ALA A 158 -5.10 5.12 2.18
N VAL A 159 -4.73 5.31 3.43
CA VAL A 159 -5.31 6.34 4.27
C VAL A 159 -4.17 7.17 4.83
N GLU A 160 -4.21 8.46 4.57
CA GLU A 160 -3.21 9.39 5.12
C GLU A 160 -3.92 10.64 5.65
N TRP A 161 -3.17 11.48 6.35
CA TRP A 161 -3.75 12.64 7.00
C TRP A 161 -3.02 13.89 6.58
N GLU A 162 -3.78 14.96 6.39
CA GLU A 162 -3.19 16.24 6.05
C GLU A 162 -3.89 17.42 6.71
N SER A 163 -3.15 18.52 6.80
CA SER A 163 -3.69 19.77 7.26
C SER A 163 -3.01 20.89 6.48
N ASN A 164 -3.79 21.75 5.86
CA ASN A 164 -3.24 22.92 5.15
C ASN A 164 -2.22 22.53 4.07
N GLY A 165 -2.53 21.48 3.30
CA GLY A 165 -1.64 20.99 2.26
C GLY A 165 -0.29 20.46 2.73
N GLN A 166 -0.19 20.10 4.01
CA GLN A 166 1.03 19.50 4.57
C GLN A 166 0.73 18.12 5.16
N PRO A 167 1.70 17.19 5.06
CA PRO A 167 1.42 15.86 5.62
C PRO A 167 1.31 15.89 7.15
N GLU A 168 0.41 15.08 7.69
CA GLU A 168 0.31 14.86 9.13
C GLU A 168 0.62 13.38 9.39
N ASN A 169 1.77 13.11 10.00
CA ASN A 169 2.27 11.73 10.08
C ASN A 169 2.01 10.97 11.39
N ASN A 170 1.47 11.65 12.39
CA ASN A 170 1.27 11.04 13.70
C ASN A 170 -0.05 10.26 13.79
N TYR A 171 -0.20 9.27 12.91
CA TYR A 171 -1.42 8.47 12.85
C TYR A 171 -1.16 6.98 12.81
N ASP A 172 -2.21 6.20 13.03
CA ASP A 172 -2.19 4.75 12.98
C ASP A 172 -3.47 4.26 12.35
N THR A 173 -3.35 3.36 11.39
CA THR A 173 -4.50 2.81 10.71
C THR A 173 -4.53 1.33 10.91
N THR A 174 -5.72 0.78 11.15
CA THR A 174 -5.83 -0.66 11.32
C THR A 174 -5.81 -1.36 9.96
N PRO A 175 -5.31 -2.60 9.92
CA PRO A 175 -5.47 -3.41 8.72
C PRO A 175 -6.93 -3.53 8.36
N PRO A 176 -7.26 -3.67 7.05
CA PRO A 176 -8.67 -3.85 6.71
C PRO A 176 -9.23 -5.13 7.32
N VAL A 177 -10.44 -5.05 7.85
CA VAL A 177 -11.09 -6.18 8.47
C VAL A 177 -12.18 -6.64 7.50
N LEU A 178 -12.24 -7.95 7.25
CA LEU A 178 -13.26 -8.54 6.39
C LEU A 178 -14.65 -8.38 7.00
N ASP A 179 -15.59 -7.89 6.19
CA ASP A 179 -16.98 -7.75 6.63
C ASP A 179 -17.77 -8.97 6.12
N SER A 180 -18.93 -9.22 6.74
CA SER A 180 -19.71 -10.44 6.45
C SER A 180 -20.37 -10.39 5.07
N ASP A 181 -20.44 -9.19 4.49
CA ASP A 181 -20.95 -9.03 3.13
C ASP A 181 -19.86 -9.10 2.06
N GLY A 182 -18.61 -9.33 2.46
CA GLY A 182 -17.51 -9.46 1.50
C GLY A 182 -16.61 -8.24 1.35
N SER A 183 -17.11 -7.06 1.74
CA SER A 183 -16.29 -5.83 1.72
C SER A 183 -15.42 -5.71 2.97
N PHE A 184 -14.70 -4.60 3.07
CA PHE A 184 -13.72 -4.39 4.14
C PHE A 184 -13.97 -3.10 4.90
N PHE A 185 -13.42 -3.03 6.12
CA PHE A 185 -13.47 -1.79 6.88
C PHE A 185 -12.25 -1.61 7.77
N LEU A 186 -12.08 -0.40 8.27
CA LEU A 186 -10.94 -0.04 9.12
C LEU A 186 -11.22 1.30 9.81
N TYR A 187 -10.28 1.72 10.65
CA TYR A 187 -10.27 3.07 11.22
C TYR A 187 -8.83 3.59 11.33
N SER A 188 -8.71 4.91 11.45
CA SER A 188 -7.42 5.56 11.50
C SER A 188 -7.48 6.67 12.52
N ASP A 189 -6.45 6.77 13.34
CA ASP A 189 -6.39 7.75 14.43
C ASP A 189 -5.20 8.65 14.24
N LEU A 190 -5.46 9.94 14.14
CA LEU A 190 -4.39 10.94 14.15
C LEU A 190 -4.37 11.64 15.49
N THR A 191 -3.17 11.80 16.04
CA THR A 191 -2.99 12.53 17.28
C THR A 191 -2.24 13.83 17.01
N VAL A 192 -2.83 14.93 17.44
CA VAL A 192 -2.23 16.26 17.26
C VAL A 192 -2.27 17.00 18.59
N ASP A 193 -1.38 17.99 18.76
CA ASP A 193 -1.43 18.88 19.93
C ASP A 193 -2.78 19.58 20.00
N LYS A 194 -3.30 19.79 21.20
CA LYS A 194 -4.61 20.40 21.34
C LYS A 194 -4.60 21.84 20.86
N SER A 195 -3.50 22.55 21.10
CA SER A 195 -3.37 23.96 20.68
C SER A 195 -3.62 24.17 19.19
N ARG A 196 -3.17 23.22 18.37
CA ARG A 196 -3.36 23.24 16.92
C ARG A 196 -4.84 23.07 16.56
N TRP A 197 -5.54 22.27 17.35
CA TRP A 197 -6.97 22.05 17.12
C TRP A 197 -7.75 23.23 17.60
N GLN A 198 -7.35 23.78 18.75
CA GLN A 198 -7.99 24.94 19.34
C GLN A 198 -7.91 26.13 18.40
N GLN A 199 -6.76 26.27 17.74
CA GLN A 199 -6.49 27.38 16.82
C GLN A 199 -7.47 27.42 15.65
N GLY A 200 -7.99 26.27 15.24
CA GLY A 200 -9.03 26.22 14.22
C GLY A 200 -8.62 25.50 12.94
N ASN A 201 -7.38 25.00 12.89
CA ASN A 201 -6.86 24.30 11.73
C ASN A 201 -7.72 23.11 11.33
N VAL A 202 -8.02 23.01 10.03
CA VAL A 202 -8.76 21.87 9.48
C VAL A 202 -7.83 20.67 9.29
N PHE A 203 -8.33 19.49 9.65
CA PHE A 203 -7.60 18.23 9.47
C PHE A 203 -8.41 17.30 8.60
N SER A 204 -7.73 16.57 7.72
CA SER A 204 -8.41 15.74 6.74
C SER A 204 -7.81 14.36 6.71
N CYS A 205 -8.66 13.35 6.63
CA CYS A 205 -8.18 12.03 6.24
C CYS A 205 -8.45 11.86 4.76
N SER A 206 -7.38 11.53 4.05
CA SER A 206 -7.43 11.35 2.61
C SER A 206 -7.45 9.86 2.33
N VAL A 207 -8.46 9.44 1.58
CA VAL A 207 -8.60 8.03 1.25
C VAL A 207 -8.41 7.81 -0.25
N MET A 208 -7.47 6.94 -0.59
CA MET A 208 -7.25 6.53 -1.96
C MET A 208 -7.69 5.09 -2.16
N HIS A 209 -8.64 4.89 -3.06
CA HIS A 209 -9.14 3.56 -3.37
C HIS A 209 -9.51 3.50 -4.81
N GLU A 210 -9.20 2.36 -5.43
CA GLU A 210 -9.50 2.13 -6.85
C GLU A 210 -10.92 2.55 -7.28
N ALA A 211 -11.91 2.26 -6.43
CA ALA A 211 -13.31 2.49 -6.79
C ALA A 211 -13.82 3.91 -6.51
N LEU A 212 -12.94 4.80 -6.03
CA LEU A 212 -13.28 6.22 -5.90
C LEU A 212 -13.10 6.96 -7.23
N HIS A 213 -13.93 7.96 -7.45
CA HIS A 213 -13.71 8.85 -8.58
C HIS A 213 -12.34 9.45 -8.45
N ASN A 214 -11.50 9.20 -9.45
CA ASN A 214 -10.12 9.66 -9.46
C ASN A 214 -9.31 9.11 -8.30
N HIS A 215 -9.81 8.03 -7.71
CA HIS A 215 -9.10 7.26 -6.65
C HIS A 215 -8.93 7.99 -5.35
N TYR A 216 -9.64 9.09 -5.18
CA TYR A 216 -9.35 10.01 -4.09
C TYR A 216 -10.61 10.61 -3.52
N THR A 217 -10.68 10.67 -2.20
CA THR A 217 -11.70 11.43 -1.48
C THR A 217 -11.11 11.87 -0.15
N GLN A 218 -11.81 12.80 0.51
CA GLN A 218 -11.27 13.48 1.66
C GLN A 218 -12.42 13.90 2.57
N LYS A 219 -12.34 13.54 3.85
CA LYS A 219 -13.25 14.10 4.83
C LYS A 219 -12.44 15.00 5.72
N SER A 220 -13.06 16.08 6.18
CA SER A 220 -12.36 17.05 7.02
C SER A 220 -13.09 17.24 8.34
N LEU A 221 -12.36 17.73 9.32
CA LEU A 221 -12.96 18.10 10.59
C LEU A 221 -12.14 19.19 11.28
N SER A 222 -12.82 20.10 11.98
CA SER A 222 -12.17 21.16 12.75
C SER A 222 -13.05 21.52 13.95
N LEU A 223 -12.51 22.36 14.85
CA LEU A 223 -13.21 22.79 16.06
C LEU A 223 -14.52 23.51 15.70
N SER A 224 -15.59 23.18 16.42
CA SER A 224 -16.91 23.79 16.20
C SER A 224 -17.17 24.97 17.16
N ASP B 1 -10.97 16.30 -15.38
CA ASP B 1 -10.60 16.81 -14.03
C ASP B 1 -9.63 15.86 -13.33
N CYS B 2 -8.79 16.46 -12.48
CA CYS B 2 -7.72 15.71 -11.84
C CYS B 2 -7.75 15.82 -10.32
N ALA B 3 -7.44 14.71 -9.66
CA ALA B 3 -7.26 14.71 -8.20
C ALA B 3 -5.78 14.85 -7.84
N TRP B 4 -5.52 15.65 -6.79
CA TRP B 4 -4.16 15.92 -6.33
C TRP B 4 -4.06 15.61 -4.88
N HIS B 5 -2.96 14.98 -4.48
CA HIS B 5 -2.72 14.73 -3.08
C HIS B 5 -1.44 15.37 -2.65
N LEU B 6 -1.53 16.33 -1.72
CA LEU B 6 -0.35 17.09 -1.27
C LEU B 6 0.52 17.56 -2.45
N GLY B 7 -0.11 18.25 -3.40
CA GLY B 7 0.57 18.78 -4.59
C GLY B 7 1.08 17.76 -5.61
N GLU B 8 0.70 16.51 -5.43
CA GLU B 8 1.17 15.42 -6.26
C GLU B 8 -0.01 14.77 -7.00
N LEU B 9 0.20 14.41 -8.27
CA LEU B 9 -0.92 13.99 -9.11
C LEU B 9 -1.38 12.58 -8.80
N VAL B 10 -2.68 12.46 -8.55
CA VAL B 10 -3.30 11.18 -8.23
C VAL B 10 -3.83 10.53 -9.50
N TRP B 11 -4.79 11.18 -10.16
CA TRP B 11 -5.52 10.55 -11.26
C TRP B 11 -6.43 11.53 -11.94
N CYS B 12 -6.66 11.28 -13.24
CA CYS B 12 -7.44 12.19 -14.09
C CYS B 12 -8.56 11.47 -14.80
N THR B 13 -9.61 12.22 -15.11
CA THR B 13 -10.75 11.68 -15.82
C THR B 13 -11.12 12.64 -16.93
#